data_7PRP
#
_entry.id   7PRP
#
_cell.length_a   73.402
_cell.length_b   73.688
_cell.length_c   102.354
_cell.angle_alpha   90.000
_cell.angle_beta   90.000
_cell.angle_gamma   90.000
#
_symmetry.space_group_name_H-M   'P 21 21 21'
#
loop_
_entity.id
_entity.type
_entity.pdbx_description
1 polymer 'Heat-labile enterotoxin IIA, B chain'
2 non-polymer 'SODIUM ION'
3 non-polymer 'FORMIC ACID'
4 water water
#
_entity_poly.entity_id   1
_entity_poly.type   'polypeptide(L)'
_entity_poly.pdbx_seq_one_letter_code
;GVSKTFKDKCASTTAKLVQSVQLVNISSDVNKDSKGIYISSSAGKTWFIPGGQYYPDNYLSNEMRKIAMAAVLSNVRVNL
CASEAYTPNHVWAIELAPHHHHHH
;
_entity_poly.pdbx_strand_id   DDD,EEE,FFF,GGG,HHH
#
loop_
_chem_comp.id
_chem_comp.type
_chem_comp.name
_chem_comp.formula
FMT non-polymer 'FORMIC ACID' 'C H2 O2'
NA non-polymer 'SODIUM ION' 'Na 1'
#
# COMPACT_ATOMS: atom_id res chain seq x y z
N GLY A 1 16.71 16.05 -4.07
CA GLY A 1 16.78 17.35 -4.83
C GLY A 1 15.44 17.67 -5.46
N VAL A 2 15.40 18.75 -6.24
CA VAL A 2 14.18 19.15 -6.99
C VAL A 2 14.45 18.90 -8.47
N SER A 3 13.48 18.32 -9.19
CA SER A 3 13.63 18.05 -10.64
C SER A 3 13.38 19.37 -11.36
N LYS A 4 14.09 19.62 -12.47
CA LYS A 4 13.83 20.75 -13.39
C LYS A 4 12.35 20.74 -13.81
N THR A 5 11.79 19.59 -14.13
CA THR A 5 10.39 19.51 -14.60
C THR A 5 9.45 19.99 -13.49
N PHE A 6 9.71 19.66 -12.24
CA PHE A 6 8.86 20.10 -11.11
C PHE A 6 8.95 21.62 -10.97
N LYS A 7 10.13 22.19 -11.06
CA LYS A 7 10.31 23.68 -11.00
C LYS A 7 9.61 24.32 -12.19
N ASP A 8 9.76 23.76 -13.39
CA ASP A 8 9.13 24.32 -14.60
C ASP A 8 7.61 24.31 -14.45
N LYS A 9 7.03 23.24 -13.89
CA LYS A 9 5.54 23.13 -13.77
C LYS A 9 5.04 24.14 -12.74
N CYS A 10 5.73 24.32 -11.61
CA CYS A 10 5.33 25.32 -10.59
C CYS A 10 5.47 26.74 -11.18
N ALA A 11 6.50 27.00 -11.99
CA ALA A 11 6.73 28.31 -12.68
C ALA A 11 5.61 28.61 -13.67
N SER A 12 4.86 27.61 -14.16
CA SER A 12 3.71 27.77 -15.10
C SER A 12 2.45 28.19 -14.34
N THR A 13 2.50 28.35 -13.02
CA THR A 13 1.30 28.61 -12.18
C THR A 13 1.59 29.72 -11.16
N THR A 14 0.53 30.25 -10.56
CA THR A 14 0.58 31.26 -9.47
C THR A 14 1.03 30.59 -8.17
N ALA A 15 0.98 29.27 -8.05
CA ALA A 15 1.47 28.58 -6.82
C ALA A 15 2.98 28.81 -6.68
N LYS A 16 3.48 28.75 -5.44
CA LYS A 16 4.91 28.97 -5.04
C LYS A 16 5.57 27.60 -4.84
N LEU A 17 6.81 27.45 -5.32
CA LEU A 17 7.67 26.29 -5.04
C LEU A 17 8.22 26.37 -3.60
N VAL A 18 8.10 25.30 -2.85
CA VAL A 18 8.78 25.12 -1.53
C VAL A 18 9.66 23.87 -1.63
N GLN A 19 10.96 24.04 -1.46
CA GLN A 19 11.99 23.01 -1.69
C GLN A 19 12.39 22.37 -0.37
N SER A 20 12.71 21.09 -0.41
CA SER A 20 13.41 20.41 0.69
C SER A 20 12.63 20.64 2.00
N VAL A 21 11.36 20.32 2.02
CA VAL A 21 10.50 20.36 3.24
C VAL A 21 10.59 19.00 3.93
N GLN A 22 10.91 18.95 5.21
CA GLN A 22 10.69 17.72 6.02
C GLN A 22 9.29 17.75 6.66
N LEU A 23 8.44 16.83 6.26
CA LEU A 23 7.11 16.69 6.87
C LEU A 23 7.27 15.82 8.11
N VAL A 24 6.59 16.21 9.20
CA VAL A 24 6.65 15.49 10.51
C VAL A 24 5.26 15.09 11.01
N ASN A 25 4.20 15.58 10.38
CA ASN A 25 2.81 15.15 10.69
C ASN A 25 2.01 15.02 9.40
N ILE A 26 1.20 13.96 9.31
CA ILE A 26 0.10 13.87 8.32
C ILE A 26 -1.16 13.49 9.11
N SER A 27 -2.28 14.10 8.77
CA SER A 27 -3.56 13.85 9.47
C SER A 27 -4.69 13.68 8.44
N SER A 28 -5.65 12.83 8.82
CA SER A 28 -6.94 12.70 8.13
C SER A 28 -8.03 13.01 9.16
N ASP A 29 -8.97 13.87 8.78
CA ASP A 29 -10.00 14.46 9.65
C ASP A 29 -11.38 14.23 8.95
N VAL A 30 -12.35 13.61 9.63
CA VAL A 30 -13.73 13.48 9.09
C VAL A 30 -14.72 14.27 9.96
N ASN A 31 -14.25 15.21 10.77
CA ASN A 31 -15.13 16.15 11.53
C ASN A 31 -15.89 17.04 10.56
N LYS A 32 -17.17 17.30 10.87
CA LYS A 32 -18.16 17.99 10.02
C LYS A 32 -17.54 19.17 9.26
N ASP A 33 -16.90 20.13 9.94
CA ASP A 33 -16.49 21.35 9.17
C ASP A 33 -14.98 21.51 9.19
N SER A 34 -14.21 20.44 9.36
CA SER A 34 -12.74 20.50 9.23
C SER A 34 -12.24 19.31 8.38
N LYS A 35 -13.10 18.69 7.60
CA LYS A 35 -12.75 17.49 6.80
C LYS A 35 -11.51 17.75 5.93
N GLY A 36 -10.57 16.81 5.86
CA GLY A 36 -9.54 16.79 4.81
C GLY A 36 -8.20 16.21 5.26
N ILE A 37 -7.21 16.32 4.37
CA ILE A 37 -5.82 15.86 4.65
C ILE A 37 -4.95 17.08 4.90
N TYR A 38 -4.25 17.07 6.03
CA TYR A 38 -3.34 18.16 6.44
C TYR A 38 -1.95 17.54 6.63
N ILE A 39 -0.92 18.32 6.32
CA ILE A 39 0.52 17.98 6.53
C ILE A 39 1.20 19.19 7.19
N SER A 40 2.14 18.91 8.10
CA SER A 40 2.93 19.94 8.78
C SER A 40 4.43 19.66 8.68
N SER A 41 5.24 20.71 8.49
CA SER A 41 6.73 20.67 8.40
C SER A 41 7.34 20.73 9.80
N SER A 42 8.62 20.39 9.89
CA SER A 42 9.50 20.55 11.09
C SER A 42 9.48 22.00 11.59
N ALA A 43 9.28 22.97 10.68
CA ALA A 43 9.25 24.41 10.99
C ALA A 43 7.88 24.84 11.54
N GLY A 44 6.83 24.01 11.48
CA GLY A 44 5.49 24.36 11.99
C GLY A 44 4.56 24.98 10.94
N LYS A 45 4.90 24.91 9.64
CA LYS A 45 4.01 25.30 8.51
C LYS A 45 3.06 24.13 8.19
N THR A 46 1.81 24.44 7.88
CA THR A 46 0.76 23.45 7.56
C THR A 46 0.27 23.69 6.14
N TRP A 47 0.02 22.61 5.40
CA TRP A 47 -0.69 22.65 4.09
C TRP A 47 -1.90 21.71 4.11
N PHE A 48 -2.82 21.97 3.23
CA PHE A 48 -4.00 21.14 2.96
C PHE A 48 -3.76 20.46 1.61
N ILE A 49 -4.01 19.15 1.56
CA ILE A 49 -3.97 18.39 0.28
C ILE A 49 -5.39 18.22 -0.22
N PRO A 50 -5.77 18.88 -1.30
CA PRO A 50 -7.11 18.71 -1.86
C PRO A 50 -7.34 17.29 -2.40
N GLY A 51 -8.60 16.89 -2.34
CA GLY A 51 -9.06 15.59 -2.84
C GLY A 51 -9.50 15.72 -4.27
N GLY A 52 -9.95 14.61 -4.82
CA GLY A 52 -10.45 14.55 -6.19
C GLY A 52 -11.53 13.52 -6.29
N GLN A 53 -12.69 13.94 -6.80
CA GLN A 53 -13.83 13.03 -6.96
C GLN A 53 -13.80 12.43 -8.37
N TYR A 54 -13.25 13.12 -9.37
CA TYR A 54 -13.38 12.71 -10.79
C TYR A 54 -12.01 12.39 -11.36
N TYR A 55 -11.93 11.48 -12.32
CA TYR A 55 -10.68 11.24 -13.09
C TYR A 55 -10.30 12.55 -13.78
N PRO A 56 -9.02 13.03 -13.79
CA PRO A 56 -7.89 12.32 -13.19
C PRO A 56 -7.50 12.71 -11.76
N ASP A 57 -8.14 13.72 -11.18
CA ASP A 57 -7.78 14.25 -9.84
C ASP A 57 -7.93 13.15 -8.79
N ASN A 58 -8.82 12.18 -8.98
CA ASN A 58 -9.03 11.11 -7.98
C ASN A 58 -7.72 10.32 -7.79
N TYR A 59 -7.08 9.85 -8.87
CA TYR A 59 -5.86 9.03 -8.73
C TYR A 59 -4.70 9.97 -8.38
N LEU A 60 -4.67 11.16 -8.96
CA LEU A 60 -3.53 12.09 -8.72
C LEU A 60 -3.51 12.53 -7.26
N SER A 61 -4.65 12.83 -6.66
CA SER A 61 -4.72 13.24 -5.24
C SER A 61 -4.32 12.07 -4.38
N ASN A 62 -4.75 10.86 -4.74
CA ASN A 62 -4.36 9.63 -4.04
C ASN A 62 -2.84 9.46 -4.07
N GLU A 63 -2.17 9.77 -5.18
CA GLU A 63 -0.68 9.69 -5.25
C GLU A 63 -0.05 10.81 -4.40
N MET A 64 -0.62 11.98 -4.37
CA MET A 64 -0.10 13.09 -3.50
C MET A 64 -0.13 12.61 -2.04
N ARG A 65 -1.21 11.96 -1.60
CA ARG A 65 -1.35 11.47 -0.21
C ARG A 65 -0.31 10.38 0.08
N LYS A 66 -0.15 9.42 -0.82
CA LYS A 66 0.87 8.33 -0.70
C LYS A 66 2.26 8.96 -0.55
N ILE A 67 2.58 9.96 -1.36
CA ILE A 67 3.90 10.63 -1.28
C ILE A 67 4.07 11.27 0.10
N ALA A 68 3.10 12.08 0.54
CA ALA A 68 3.17 12.83 1.83
C ALA A 68 3.30 11.85 2.97
N MET A 69 2.58 10.74 2.91
CA MET A 69 2.55 9.73 4.00
C MET A 69 3.92 9.08 4.14
N ALA A 70 4.48 8.62 3.02
CA ALA A 70 5.81 7.96 2.98
C ALA A 70 6.89 8.95 3.45
N ALA A 71 6.78 10.22 3.07
CA ALA A 71 7.73 11.24 3.53
C ALA A 71 7.70 11.33 5.05
N VAL A 72 6.53 11.35 5.69
CA VAL A 72 6.45 11.46 7.18
C VAL A 72 6.97 10.16 7.80
N LEU A 73 6.53 9.02 7.31
CA LEU A 73 6.87 7.70 7.90
C LEU A 73 8.37 7.41 7.76
N SER A 74 8.95 7.72 6.62
CA SER A 74 10.38 7.41 6.31
C SER A 74 11.27 8.62 6.55
N ASN A 75 10.73 9.76 7.00
CA ASN A 75 11.55 10.99 7.26
C ASN A 75 12.34 11.32 5.98
N VAL A 76 11.63 11.49 4.87
CA VAL A 76 12.21 11.80 3.53
C VAL A 76 11.67 13.16 3.11
N ARG A 77 12.50 13.98 2.47
CA ARG A 77 12.12 15.34 2.01
C ARG A 77 11.14 15.27 0.82
N VAL A 78 10.32 16.32 0.68
CA VAL A 78 9.45 16.58 -0.47
C VAL A 78 9.72 18.00 -1.01
N ASN A 79 9.32 18.24 -2.27
CA ASN A 79 9.15 19.63 -2.80
C ASN A 79 7.66 19.81 -3.02
N LEU A 80 7.14 21.01 -2.77
CA LEU A 80 5.69 21.35 -2.89
C LEU A 80 5.51 22.49 -3.90
N CYS A 81 4.39 22.45 -4.59
CA CYS A 81 3.79 23.56 -5.35
C CYS A 81 2.52 23.95 -4.58
N ALA A 82 2.52 25.09 -3.90
CA ALA A 82 1.47 25.44 -2.93
C ALA A 82 0.89 26.82 -3.28
N SER A 83 -0.43 26.90 -3.28
CA SER A 83 -1.19 28.14 -3.42
C SER A 83 -1.28 28.83 -2.07
N GLU A 84 -0.82 30.08 -2.00
CA GLU A 84 -0.92 30.96 -0.79
C GLU A 84 -2.28 31.67 -0.77
N ALA A 85 -3.16 31.41 -1.72
CA ALA A 85 -4.52 31.99 -1.76
C ALA A 85 -5.42 31.35 -0.69
N TYR A 86 -4.90 30.42 0.12
CA TYR A 86 -5.73 29.66 1.08
C TYR A 86 -5.01 29.65 2.40
N THR A 87 -5.78 29.46 3.46
CA THR A 87 -5.25 29.28 4.83
C THR A 87 -6.00 28.08 5.42
N PRO A 88 -5.32 26.93 5.62
CA PRO A 88 -3.92 26.74 5.21
C PRO A 88 -3.68 26.73 3.69
N ASN A 89 -2.44 26.94 3.27
CA ASN A 89 -2.01 26.85 1.85
C ASN A 89 -2.36 25.47 1.28
N HIS A 90 -2.74 25.42 0.02
CA HIS A 90 -3.19 24.21 -0.70
C HIS A 90 -2.03 23.65 -1.53
N VAL A 91 -1.75 22.37 -1.38
CA VAL A 91 -0.80 21.66 -2.28
C VAL A 91 -1.47 21.32 -3.62
N TRP A 92 -0.89 21.81 -4.71
CA TRP A 92 -1.30 21.48 -6.11
C TRP A 92 -0.28 20.53 -6.79
N ALA A 93 0.90 20.33 -6.21
CA ALA A 93 1.79 19.23 -6.63
C ALA A 93 2.74 18.91 -5.49
N ILE A 94 3.21 17.69 -5.45
CA ILE A 94 4.20 17.24 -4.45
C ILE A 94 5.18 16.28 -5.14
N GLU A 95 6.45 16.40 -4.81
CA GLU A 95 7.52 15.56 -5.34
C GLU A 95 8.26 14.92 -4.18
N LEU A 96 8.35 13.59 -4.18
CA LEU A 96 9.20 12.87 -3.23
C LEU A 96 10.66 13.11 -3.63
N ALA A 97 11.50 13.49 -2.67
CA ALA A 97 12.85 14.04 -2.91
C ALA A 97 13.85 13.47 -1.91
N PRO A 98 14.13 12.17 -1.96
CA PRO A 98 15.13 11.54 -1.09
C PRO A 98 16.47 12.24 -1.31
N HIS A 99 17.18 12.55 -0.23
CA HIS A 99 18.48 13.26 -0.30
C HIS A 99 19.53 12.23 -0.73
N HIS A 100 20.17 12.42 -1.86
CA HIS A 100 21.25 11.51 -2.33
C HIS A 100 22.57 12.27 -2.26
N HIS A 101 23.61 11.61 -1.73
CA HIS A 101 25.00 12.14 -1.70
C HIS A 101 25.61 11.95 -3.10
N HIS A 102 26.26 12.99 -3.62
CA HIS A 102 27.12 12.92 -4.82
C HIS A 102 28.53 13.37 -4.40
N HIS A 103 29.45 12.43 -4.26
CA HIS A 103 30.85 12.68 -3.83
C HIS A 103 31.74 12.75 -5.06
N HIS A 104 31.78 13.94 -5.69
CA HIS A 104 32.65 14.36 -6.83
C HIS A 104 32.77 15.89 -6.86
N GLY B 1 18.41 -6.64 -12.99
CA GLY B 1 18.69 -6.69 -14.44
C GLY B 1 17.41 -6.53 -15.24
N VAL B 2 17.46 -6.83 -16.52
CA VAL B 2 16.28 -6.71 -17.43
C VAL B 2 15.83 -8.09 -17.81
N SER B 3 14.53 -8.40 -17.75
CA SER B 3 14.01 -9.71 -18.19
C SER B 3 13.98 -9.72 -19.73
N LYS B 4 14.25 -10.88 -20.34
CA LYS B 4 14.09 -11.12 -21.79
C LYS B 4 12.68 -10.68 -22.25
N THR B 5 11.65 -11.03 -21.49
CA THR B 5 10.27 -10.72 -21.89
C THR B 5 10.09 -9.19 -21.97
N PHE B 6 10.67 -8.42 -21.06
CA PHE B 6 10.56 -6.95 -21.07
C PHE B 6 11.23 -6.40 -22.33
N LYS B 7 12.43 -6.88 -22.68
CA LYS B 7 13.13 -6.43 -23.92
C LYS B 7 12.32 -6.84 -25.15
N ASP B 8 11.77 -8.05 -25.16
CA ASP B 8 10.97 -8.52 -26.32
C ASP B 8 9.74 -7.63 -26.49
N LYS B 9 9.07 -7.24 -25.40
CA LYS B 9 7.83 -6.42 -25.48
C LYS B 9 8.16 -5.01 -25.98
N CYS B 10 9.25 -4.41 -25.50
CA CYS B 10 9.69 -3.08 -26.00
C CYS B 10 10.07 -3.17 -27.49
N ALA B 11 10.72 -4.25 -27.92
CA ALA B 11 11.10 -4.48 -29.33
C ALA B 11 9.86 -4.59 -30.23
N SER B 12 8.68 -4.94 -29.69
CA SER B 12 7.41 -5.04 -30.44
C SER B 12 6.76 -3.67 -30.66
N THR B 13 7.38 -2.59 -30.21
CA THR B 13 6.81 -1.23 -30.26
C THR B 13 7.87 -0.22 -30.72
N THR B 14 7.40 0.95 -31.09
CA THR B 14 8.16 2.17 -31.47
C THR B 14 8.90 2.72 -30.24
N ALA B 15 8.42 2.44 -29.02
CA ALA B 15 9.05 2.92 -27.78
C ALA B 15 10.47 2.32 -27.65
N LYS B 16 11.34 3.01 -26.92
CA LYS B 16 12.78 2.72 -26.72
C LYS B 16 12.96 2.12 -25.31
N LEU B 17 13.81 1.11 -25.21
CA LEU B 17 14.20 0.50 -23.94
C LEU B 17 15.23 1.36 -23.21
N VAL B 18 15.00 1.66 -21.94
CA VAL B 18 16.00 2.31 -21.05
C VAL B 18 16.25 1.36 -19.88
N GLN B 19 17.49 0.93 -19.73
CA GLN B 19 17.93 -0.10 -18.77
C GLN B 19 18.52 0.55 -17.53
N SER B 20 18.32 -0.08 -16.37
CA SER B 20 19.06 0.24 -15.14
C SER B 20 19.00 1.76 -14.89
N VAL B 21 17.79 2.31 -14.82
CA VAL B 21 17.57 3.73 -14.44
C VAL B 21 17.40 3.77 -12.93
N GLN B 22 18.15 4.63 -12.23
CA GLN B 22 17.80 4.97 -10.82
C GLN B 22 16.86 6.18 -10.79
N LEU B 23 15.66 5.99 -10.31
CA LEU B 23 14.72 7.11 -10.12
C LEU B 23 15.03 7.75 -8.77
N VAL B 24 15.05 9.08 -8.74
CA VAL B 24 15.33 9.88 -7.50
C VAL B 24 14.19 10.83 -7.17
N ASN B 25 13.24 11.04 -8.09
CA ASN B 25 12.04 11.85 -7.82
C ASN B 25 10.81 11.18 -8.43
N ILE B 26 9.70 11.21 -7.69
CA ILE B 26 8.35 10.96 -8.25
C ILE B 26 7.46 12.13 -7.82
N SER B 27 6.62 12.61 -8.71
CA SER B 27 5.70 13.71 -8.42
C SER B 27 4.29 13.38 -8.94
N SER B 28 3.31 13.87 -8.21
CA SER B 28 1.89 13.90 -8.60
C SER B 28 1.45 15.37 -8.60
N ASP B 29 0.83 15.80 -9.69
CA ASP B 29 0.54 17.22 -10.02
C ASP B 29 -0.96 17.32 -10.36
N VAL B 30 -1.72 18.19 -9.67
CA VAL B 30 -3.15 18.44 -10.02
C VAL B 30 -3.33 19.89 -10.53
N ASN B 31 -2.28 20.58 -10.92
CA ASN B 31 -2.38 21.92 -11.58
C ASN B 31 -3.05 21.78 -12.93
N LYS B 32 -3.88 22.78 -13.26
CA LYS B 32 -4.75 22.82 -14.46
C LYS B 32 -4.07 22.25 -15.70
N ASP B 33 -2.89 22.74 -16.08
CA ASP B 33 -2.39 22.34 -17.42
C ASP B 33 -1.15 21.46 -17.32
N SER B 34 -0.79 20.98 -16.14
CA SER B 34 0.41 20.10 -15.98
C SER B 34 0.05 18.82 -15.24
N LYS B 35 -1.23 18.46 -15.18
CA LYS B 35 -1.72 17.29 -14.41
C LYS B 35 -0.96 16.02 -14.81
N GLY B 36 -0.53 15.20 -13.85
CA GLY B 36 0.02 13.87 -14.17
C GLY B 36 1.07 13.38 -13.19
N ILE B 37 1.62 12.23 -13.48
CA ILE B 37 2.74 11.59 -12.74
C ILE B 37 4.01 11.74 -13.54
N TYR B 38 5.02 12.31 -12.90
CA TYR B 38 6.35 12.54 -13.50
C TYR B 38 7.38 11.80 -12.62
N ILE B 39 8.38 11.22 -13.26
CA ILE B 39 9.54 10.55 -12.61
C ILE B 39 10.83 11.05 -13.24
N SER B 40 11.86 11.21 -12.42
CA SER B 40 13.17 11.75 -12.87
C SER B 40 14.30 10.84 -12.38
N SER B 41 15.29 10.63 -13.25
CA SER B 41 16.49 9.79 -13.00
C SER B 41 17.58 10.62 -12.31
N SER B 42 18.56 9.95 -11.74
CA SER B 42 19.83 10.51 -11.19
C SER B 42 20.55 11.37 -12.25
N ALA B 43 20.37 11.05 -13.53
CA ALA B 43 20.99 11.77 -14.67
C ALA B 43 20.21 13.06 -15.01
N GLY B 44 19.00 13.27 -14.49
CA GLY B 44 18.19 14.47 -14.79
C GLY B 44 17.26 14.30 -16.00
N LYS B 45 16.99 13.05 -16.42
CA LYS B 45 15.95 12.72 -17.44
C LYS B 45 14.60 12.59 -16.74
N THR B 46 13.53 13.07 -17.37
CA THR B 46 12.16 13.02 -16.84
C THR B 46 11.29 12.23 -17.79
N TRP B 47 10.38 11.42 -17.26
CA TRP B 47 9.29 10.78 -18.04
C TRP B 47 7.93 11.13 -17.42
N PHE B 48 6.90 11.01 -18.23
CA PHE B 48 5.50 11.08 -17.80
C PHE B 48 4.93 9.65 -17.81
N ILE B 49 4.23 9.31 -16.75
CA ILE B 49 3.46 8.04 -16.65
C ILE B 49 2.00 8.35 -16.93
N PRO B 50 1.47 7.87 -18.06
CA PRO B 50 0.05 8.07 -18.35
C PRO B 50 -0.87 7.32 -17.37
N GLY B 51 -2.05 7.88 -17.16
CA GLY B 51 -3.13 7.32 -16.34
C GLY B 51 -4.04 6.47 -17.18
N GLY B 52 -5.01 5.86 -16.55
CA GLY B 52 -5.99 4.97 -17.20
C GLY B 52 -7.32 5.10 -16.48
N GLN B 53 -8.38 5.42 -17.22
CA GLN B 53 -9.72 5.57 -16.65
C GLN B 53 -10.46 4.23 -16.77
N TYR B 54 -10.14 3.38 -17.75
CA TYR B 54 -10.97 2.20 -18.06
C TYR B 54 -10.13 0.94 -17.91
N TYR B 55 -10.77 -0.16 -17.53
CA TYR B 55 -10.13 -1.50 -17.49
C TYR B 55 -9.63 -1.79 -18.90
N PRO B 56 -8.39 -2.32 -19.11
CA PRO B 56 -7.45 -2.66 -18.04
C PRO B 56 -6.40 -1.59 -17.67
N ASP B 57 -6.35 -0.48 -18.42
CA ASP B 57 -5.30 0.57 -18.23
C ASP B 57 -5.40 1.14 -16.81
N ASN B 58 -6.57 1.13 -16.18
CA ASN B 58 -6.74 1.69 -14.82
C ASN B 58 -5.82 0.95 -13.83
N TYR B 59 -5.87 -0.39 -13.79
CA TYR B 59 -5.07 -1.16 -12.82
C TYR B 59 -3.63 -1.16 -13.32
N LEU B 60 -3.41 -1.26 -14.63
CA LEU B 60 -2.03 -1.35 -15.15
C LEU B 60 -1.26 -0.05 -14.84
N SER B 61 -1.87 1.11 -15.04
CA SER B 61 -1.21 2.41 -14.77
C SER B 61 -0.98 2.50 -13.27
N ASN B 62 -1.93 2.05 -12.45
CA ASN B 62 -1.79 2.04 -10.98
C ASN B 62 -0.57 1.19 -10.60
N GLU B 63 -0.33 0.04 -11.25
CA GLU B 63 0.87 -0.80 -10.94
C GLU B 63 2.13 -0.07 -11.42
N MET B 64 2.09 0.62 -12.57
CA MET B 64 3.27 1.40 -13.04
C MET B 64 3.64 2.43 -11.97
N ARG B 65 2.67 3.12 -11.38
CA ARG B 65 2.94 4.14 -10.34
C ARG B 65 3.49 3.51 -9.06
N LYS B 66 2.92 2.40 -8.61
CA LYS B 66 3.43 1.62 -7.42
C LYS B 66 4.89 1.21 -7.66
N ILE B 67 5.22 0.75 -8.85
CA ILE B 67 6.63 0.33 -9.17
C ILE B 67 7.54 1.55 -9.09
N ALA B 68 7.20 2.65 -9.76
CA ALA B 68 8.02 3.88 -9.77
C ALA B 68 8.21 4.41 -8.35
N MET B 69 7.15 4.35 -7.54
CA MET B 69 7.17 4.92 -6.16
C MET B 69 8.13 4.09 -5.28
N ALA B 70 8.02 2.77 -5.34
CA ALA B 70 8.88 1.85 -4.58
C ALA B 70 10.34 2.05 -5.00
N ALA B 71 10.58 2.26 -6.28
CA ALA B 71 11.94 2.47 -6.80
C ALA B 71 12.53 3.72 -6.16
N VAL B 72 11.79 4.80 -6.05
CA VAL B 72 12.33 6.07 -5.49
C VAL B 72 12.52 5.89 -3.98
N LEU B 73 11.53 5.35 -3.29
CA LEU B 73 11.57 5.20 -1.81
C LEU B 73 12.68 4.24 -1.38
N SER B 74 12.84 3.13 -2.09
CA SER B 74 13.78 2.03 -1.72
C SER B 74 15.08 2.18 -2.51
N ASN B 75 15.24 3.19 -3.37
CA ASN B 75 16.48 3.39 -4.18
C ASN B 75 16.78 2.08 -4.95
N VAL B 76 15.82 1.62 -5.73
CA VAL B 76 15.85 0.36 -6.53
C VAL B 76 15.75 0.74 -8.00
N ARG B 77 16.50 0.07 -8.86
CA ARG B 77 16.54 0.33 -10.31
C ARG B 77 15.23 -0.11 -10.99
N VAL B 78 14.89 0.54 -12.10
CA VAL B 78 13.80 0.12 -13.02
C VAL B 78 14.35 -0.01 -14.45
N ASN B 79 13.62 -0.73 -15.31
CA ASN B 79 13.78 -0.63 -16.77
C ASN B 79 12.52 0.03 -17.31
N LEU B 80 12.63 0.86 -18.34
CA LEU B 80 11.48 1.59 -18.96
C LEU B 80 11.37 1.25 -20.44
N CYS B 81 10.12 1.25 -20.90
CA CYS B 81 9.74 1.29 -22.32
C CYS B 81 9.09 2.66 -22.52
N ALA B 82 9.78 3.58 -23.19
CA ALA B 82 9.33 4.98 -23.28
C ALA B 82 9.20 5.39 -24.76
N SER B 83 8.08 6.03 -25.09
CA SER B 83 7.86 6.68 -26.40
C SER B 83 8.55 8.04 -26.42
N GLU B 84 9.42 8.23 -27.41
CA GLU B 84 10.14 9.50 -27.71
C GLU B 84 9.27 10.41 -28.59
N ALA B 85 8.03 10.02 -28.90
CA ALA B 85 7.07 10.88 -29.61
C ALA B 85 6.55 12.00 -28.70
N TYR B 86 6.96 12.05 -27.45
CA TYR B 86 6.44 13.03 -26.45
C TYR B 86 7.63 13.59 -25.71
N THR B 87 7.48 14.82 -25.23
CA THR B 87 8.48 15.50 -24.40
C THR B 87 7.71 16.14 -23.25
N PRO B 88 7.86 15.63 -22.00
CA PRO B 88 8.70 14.47 -21.71
C PRO B 88 8.21 13.14 -22.31
N ASN B 89 9.12 12.19 -22.44
CA ASN B 89 8.86 10.82 -22.95
C ASN B 89 7.80 10.17 -22.08
N HIS B 90 6.93 9.39 -22.70
CA HIS B 90 5.79 8.69 -22.06
C HIS B 90 6.20 7.24 -21.76
N VAL B 91 6.05 6.82 -20.51
CA VAL B 91 6.26 5.41 -20.11
C VAL B 91 5.07 4.56 -20.52
N TRP B 92 5.32 3.53 -21.34
CA TRP B 92 4.34 2.52 -21.77
C TRP B 92 4.61 1.17 -21.08
N ALA B 93 5.76 0.99 -20.43
CA ALA B 93 5.95 -0.15 -19.51
C ALA B 93 7.05 0.21 -18.54
N ILE B 94 7.02 -0.38 -17.36
CA ILE B 94 8.08 -0.21 -16.35
C ILE B 94 8.30 -1.56 -15.66
N GLU B 95 9.55 -1.90 -15.38
CA GLU B 95 9.93 -3.16 -14.69
C GLU B 95 10.77 -2.80 -13.47
N LEU B 96 10.36 -3.29 -12.32
CA LEU B 96 11.16 -3.18 -11.07
C LEU B 96 12.31 -4.15 -11.22
N ALA B 97 13.56 -3.67 -11.01
CA ALA B 97 14.81 -4.36 -11.38
C ALA B 97 15.83 -4.21 -10.25
N PRO B 98 15.56 -4.78 -9.05
CA PRO B 98 16.52 -4.81 -7.96
C PRO B 98 17.83 -5.45 -8.43
N HIS B 99 18.98 -4.83 -8.12
CA HIS B 99 20.30 -5.33 -8.57
C HIS B 99 20.65 -6.54 -7.70
N HIS B 100 20.81 -7.70 -8.29
CA HIS B 100 21.25 -8.91 -7.55
C HIS B 100 22.67 -9.26 -8.00
N HIS B 101 23.52 -9.62 -7.03
CA HIS B 101 24.91 -10.09 -7.24
C HIS B 101 24.84 -11.56 -7.68
N HIS B 102 25.60 -11.91 -8.72
CA HIS B 102 25.82 -13.32 -9.12
C HIS B 102 27.34 -13.58 -9.06
N HIS B 103 27.81 -14.24 -8.00
CA HIS B 103 29.24 -14.52 -7.78
C HIS B 103 29.52 -15.96 -8.19
N HIS B 104 29.74 -16.16 -9.51
CA HIS B 104 30.13 -17.44 -10.16
C HIS B 104 30.82 -17.16 -11.50
N GLY C 1 8.24 -21.84 2.74
CA GLY C 1 7.68 -23.20 2.47
C GLY C 1 6.35 -23.14 1.75
N VAL C 2 5.78 -24.29 1.42
CA VAL C 2 4.52 -24.40 0.66
C VAL C 2 3.47 -24.96 1.61
N SER C 3 2.27 -24.38 1.64
CA SER C 3 1.17 -24.86 2.51
C SER C 3 0.58 -26.11 1.85
N LYS C 4 0.12 -27.08 2.65
CA LYS C 4 -0.56 -28.28 2.11
C LYS C 4 -1.79 -27.84 1.30
N THR C 5 -2.52 -26.85 1.79
CA THR C 5 -3.77 -26.40 1.12
C THR C 5 -3.42 -25.86 -0.28
N PHE C 6 -2.31 -25.13 -0.43
CA PHE C 6 -1.92 -24.57 -1.75
C PHE C 6 -1.61 -25.74 -2.69
N LYS C 7 -0.86 -26.74 -2.24
CA LYS C 7 -0.53 -27.93 -3.08
C LYS C 7 -1.81 -28.66 -3.45
N ASP C 8 -2.70 -28.86 -2.49
CA ASP C 8 -3.96 -29.61 -2.72
C ASP C 8 -4.82 -28.86 -3.76
N LYS C 9 -4.89 -27.53 -3.70
CA LYS C 9 -5.71 -26.75 -4.66
C LYS C 9 -5.11 -26.82 -6.06
N CYS C 10 -3.79 -26.72 -6.20
CA CYS C 10 -3.11 -26.83 -7.52
C CYS C 10 -3.30 -28.25 -8.07
N ALA C 11 -3.28 -29.29 -7.24
CA ALA C 11 -3.49 -30.70 -7.66
C ALA C 11 -4.91 -30.90 -8.20
N SER C 12 -5.89 -30.07 -7.79
CA SER C 12 -7.30 -30.13 -8.27
C SER C 12 -7.49 -29.37 -9.58
N THR C 13 -6.40 -28.90 -10.19
CA THR C 13 -6.45 -28.12 -11.45
C THR C 13 -5.41 -28.67 -12.44
N THR C 14 -5.58 -28.26 -13.70
CA THR C 14 -4.70 -28.43 -14.89
C THR C 14 -3.36 -27.76 -14.66
N ALA C 15 -3.35 -26.68 -13.89
CA ALA C 15 -2.13 -25.89 -13.63
C ALA C 15 -1.12 -26.72 -12.83
N LYS C 16 0.17 -26.40 -12.98
CA LYS C 16 1.35 -27.06 -12.36
C LYS C 16 1.84 -26.21 -11.17
N LEU C 17 2.21 -26.85 -10.08
CA LEU C 17 2.84 -26.22 -8.92
C LEU C 17 4.31 -25.90 -9.21
N VAL C 18 4.75 -24.68 -8.95
CA VAL C 18 6.18 -24.28 -8.95
C VAL C 18 6.52 -23.76 -7.56
N GLN C 19 7.47 -24.43 -6.90
CA GLN C 19 7.84 -24.18 -5.49
C GLN C 19 9.04 -23.27 -5.40
N SER C 20 9.08 -22.44 -4.37
CA SER C 20 10.32 -21.73 -3.98
C SER C 20 10.90 -21.00 -5.19
N VAL C 21 10.09 -20.17 -5.84
CA VAL C 21 10.55 -19.27 -6.93
C VAL C 21 11.04 -17.96 -6.32
N GLN C 22 12.25 -17.52 -6.63
CA GLN C 22 12.64 -16.11 -6.34
C GLN C 22 12.32 -15.21 -7.55
N LEU C 23 11.41 -14.29 -7.37
CA LEU C 23 11.09 -13.31 -8.43
C LEU C 23 12.09 -12.18 -8.29
N VAL C 24 12.62 -11.71 -9.42
CA VAL C 24 13.62 -10.61 -9.50
C VAL C 24 13.11 -9.45 -10.38
N ASN C 25 12.01 -9.64 -11.13
CA ASN C 25 11.40 -8.57 -11.93
C ASN C 25 9.89 -8.67 -11.86
N ILE C 26 9.24 -7.51 -11.71
CA ILE C 26 7.78 -7.37 -11.96
C ILE C 26 7.64 -6.20 -12.92
N SER C 27 6.76 -6.35 -13.89
CA SER C 27 6.51 -5.29 -14.90
C SER C 27 4.99 -5.10 -15.09
N SER C 28 4.61 -3.86 -15.37
CA SER C 28 3.30 -3.42 -15.81
C SER C 28 3.46 -2.74 -17.16
N ASP C 29 2.64 -3.12 -18.13
CA ASP C 29 2.78 -2.77 -19.58
C ASP C 29 1.42 -2.27 -20.09
N VAL C 30 1.35 -1.07 -20.69
CA VAL C 30 0.09 -0.55 -21.31
C VAL C 30 0.24 -0.42 -22.84
N ASN C 31 1.23 -1.06 -23.46
CA ASN C 31 1.37 -1.13 -24.94
C ASN C 31 0.23 -1.90 -25.54
N LYS C 32 -0.25 -1.45 -26.71
CA LYS C 32 -1.47 -1.97 -27.40
C LYS C 32 -1.55 -3.50 -27.34
N ASP C 33 -0.48 -4.20 -27.75
CA ASP C 33 -0.62 -5.68 -27.91
C ASP C 33 0.25 -6.42 -26.90
N SER C 34 0.75 -5.78 -25.87
CA SER C 34 1.61 -6.41 -24.85
C SER C 34 1.07 -6.17 -23.43
N LYS C 35 -0.14 -5.62 -23.30
CA LYS C 35 -0.74 -5.17 -22.03
C LYS C 35 -0.68 -6.28 -20.98
N GLY C 36 -0.33 -5.96 -19.73
CA GLY C 36 -0.51 -6.91 -18.60
C GLY C 36 0.61 -6.85 -17.56
N ILE C 37 0.52 -7.75 -16.59
CA ILE C 37 1.53 -7.88 -15.50
C ILE C 37 2.36 -9.13 -15.76
N TYR C 38 3.65 -8.96 -15.78
CA TYR C 38 4.63 -10.06 -16.03
C TYR C 38 5.57 -10.10 -14.83
N ILE C 39 5.96 -11.31 -14.43
CA ILE C 39 6.95 -11.60 -13.36
C ILE C 39 7.98 -12.58 -13.89
N SER C 40 9.23 -12.38 -13.49
CA SER C 40 10.37 -13.20 -13.96
C SER C 40 11.21 -13.67 -12.76
N SER C 41 11.59 -14.95 -12.76
CA SER C 41 12.45 -15.61 -11.75
C SER C 41 13.95 -15.34 -12.00
N SER C 42 14.75 -15.59 -11.00
CA SER C 42 16.24 -15.64 -11.04
C SER C 42 16.72 -16.63 -12.11
N ALA C 43 15.95 -17.67 -12.42
CA ALA C 43 16.25 -18.71 -13.44
C ALA C 43 15.92 -18.23 -14.86
N GLY C 44 15.22 -17.09 -15.04
CA GLY C 44 14.90 -16.56 -16.37
C GLY C 44 13.54 -16.99 -16.92
N LYS C 45 12.68 -17.59 -16.09
CA LYS C 45 11.30 -17.97 -16.43
C LYS C 45 10.37 -16.77 -16.20
N THR C 46 9.39 -16.58 -17.07
CA THR C 46 8.42 -15.49 -17.00
C THR C 46 7.01 -16.10 -16.85
N TRP C 47 6.16 -15.45 -16.07
CA TRP C 47 4.70 -15.72 -16.01
C TRP C 47 3.92 -14.44 -16.27
N PHE C 48 2.69 -14.59 -16.74
CA PHE C 48 1.70 -13.52 -16.84
C PHE C 48 0.70 -13.70 -15.69
N ILE C 49 0.41 -12.60 -15.00
CA ILE C 49 -0.66 -12.54 -13.96
C ILE C 49 -1.91 -11.95 -14.60
N PRO C 50 -2.97 -12.75 -14.78
CA PRO C 50 -4.22 -12.22 -15.32
C PRO C 50 -4.87 -11.19 -14.40
N GLY C 51 -5.55 -10.23 -15.03
CA GLY C 51 -6.36 -9.20 -14.37
C GLY C 51 -7.77 -9.69 -14.13
N GLY C 52 -8.56 -8.86 -13.49
CA GLY C 52 -9.97 -9.14 -13.18
C GLY C 52 -10.77 -7.87 -13.21
N GLN C 53 -11.85 -7.87 -13.98
CA GLN C 53 -12.73 -6.68 -14.10
C GLN C 53 -13.88 -6.79 -13.10
N TYR C 54 -14.31 -7.99 -12.71
CA TYR C 54 -15.57 -8.17 -11.95
C TYR C 54 -15.25 -8.86 -10.63
N TYR C 55 -16.04 -8.59 -9.58
CA TYR C 55 -15.93 -9.31 -8.29
C TYR C 55 -16.13 -10.80 -8.60
N PRO C 56 -15.36 -11.76 -8.05
CA PRO C 56 -14.26 -11.49 -7.11
C PRO C 56 -12.87 -11.36 -7.72
N ASP C 57 -12.71 -11.63 -9.01
CA ASP C 57 -11.39 -11.66 -9.68
C ASP C 57 -10.69 -10.29 -9.55
N ASN C 58 -11.44 -9.20 -9.47
CA ASN C 58 -10.84 -7.85 -9.37
C ASN C 58 -9.96 -7.77 -8.11
N TYR C 59 -10.48 -8.14 -6.92
CA TYR C 59 -9.69 -8.00 -5.67
C TYR C 59 -8.67 -9.13 -5.66
N LEU C 60 -9.03 -10.33 -6.11
CA LEU C 60 -8.10 -11.48 -6.01
C LEU C 60 -6.87 -11.21 -6.91
N SER C 61 -7.04 -10.70 -8.12
CA SER C 61 -5.92 -10.41 -9.02
C SER C 61 -5.07 -9.29 -8.39
N ASN C 62 -5.72 -8.30 -7.78
CA ASN C 62 -5.03 -7.21 -7.07
C ASN C 62 -4.16 -7.79 -5.95
N GLU C 63 -4.64 -8.79 -5.20
CA GLU C 63 -3.81 -9.43 -4.12
C GLU C 63 -2.69 -10.26 -4.76
N MET C 64 -2.91 -10.92 -5.87
CA MET C 64 -1.81 -11.65 -6.58
C MET C 64 -0.70 -10.64 -6.94
N ARG C 65 -1.05 -9.46 -7.44
CA ARG C 65 -0.04 -8.42 -7.82
C ARG C 65 0.70 -7.93 -6.56
N LYS C 66 -0.02 -7.65 -5.48
CA LYS C 66 0.57 -7.21 -4.17
C LYS C 66 1.58 -8.26 -3.69
N ILE C 67 1.22 -9.53 -3.76
CA ILE C 67 2.13 -10.61 -3.32
C ILE C 67 3.39 -10.62 -4.19
N ALA C 68 3.25 -10.61 -5.51
CA ALA C 68 4.38 -10.67 -6.46
C ALA C 68 5.28 -9.45 -6.25
N MET C 69 4.71 -8.29 -6.01
CA MET C 69 5.46 -7.03 -5.84
C MET C 69 6.30 -7.09 -4.57
N ALA C 70 5.71 -7.50 -3.45
CA ALA C 70 6.41 -7.67 -2.16
C ALA C 70 7.54 -8.69 -2.30
N ALA C 71 7.30 -9.77 -3.04
CA ALA C 71 8.34 -10.79 -3.27
C ALA C 71 9.54 -10.17 -3.96
N VAL C 72 9.35 -9.35 -4.99
CA VAL C 72 10.48 -8.74 -5.74
C VAL C 72 11.17 -7.72 -4.85
N LEU C 73 10.41 -6.85 -4.21
CA LEU C 73 10.97 -5.72 -3.43
C LEU C 73 11.69 -6.23 -2.18
N SER C 74 11.15 -7.25 -1.52
CA SER C 74 11.72 -7.80 -0.26
C SER C 74 12.61 -9.02 -0.53
N ASN C 75 12.75 -9.46 -1.78
CA ASN C 75 13.55 -10.68 -2.13
C ASN C 75 13.05 -11.85 -1.28
N VAL C 76 11.75 -12.14 -1.36
CA VAL C 76 11.05 -13.21 -0.59
C VAL C 76 10.51 -14.20 -1.62
N ARG C 77 10.54 -15.48 -1.29
CA ARG C 77 10.10 -16.57 -2.20
C ARG C 77 8.58 -16.61 -2.32
N VAL C 78 8.09 -17.16 -3.44
CA VAL C 78 6.66 -17.47 -3.68
C VAL C 78 6.52 -18.92 -4.16
N ASN C 79 5.31 -19.48 -4.03
CA ASN C 79 4.89 -20.71 -4.76
C ASN C 79 3.83 -20.28 -5.78
N LEU C 80 3.83 -20.89 -6.96
CA LEU C 80 2.90 -20.54 -8.08
C LEU C 80 2.09 -21.77 -8.48
N CYS C 81 0.85 -21.52 -8.89
CA CYS C 81 -0.01 -22.45 -9.61
C CYS C 81 -0.17 -21.86 -11.01
N ALA C 82 0.49 -22.44 -12.01
CA ALA C 82 0.62 -21.82 -13.34
C ALA C 82 0.11 -22.80 -14.40
N SER C 83 -0.74 -22.30 -15.29
CA SER C 83 -1.20 -23.02 -16.50
C SER C 83 -0.13 -22.94 -17.56
N GLU C 84 0.31 -24.12 -18.03
CA GLU C 84 1.30 -24.27 -19.13
C GLU C 84 0.57 -24.22 -20.47
N ALA C 85 -0.73 -24.02 -20.51
CA ALA C 85 -1.52 -23.86 -21.75
C ALA C 85 -1.26 -22.47 -22.37
N TYR C 86 -0.40 -21.64 -21.79
CA TYR C 86 -0.13 -20.28 -22.30
C TYR C 86 1.36 -20.04 -22.30
N THR C 87 1.84 -19.15 -23.15
CA THR C 87 3.27 -18.78 -23.21
C THR C 87 3.32 -17.27 -23.35
N PRO C 88 3.78 -16.53 -22.31
CA PRO C 88 4.16 -17.10 -21.01
C PRO C 88 3.03 -17.78 -20.23
N ASN C 89 3.40 -18.69 -19.32
CA ASN C 89 2.48 -19.39 -18.42
C ASN C 89 1.67 -18.38 -17.60
N HIS C 90 0.42 -18.70 -17.37
CA HIS C 90 -0.56 -17.86 -16.63
C HIS C 90 -0.60 -18.29 -15.16
N VAL C 91 -0.41 -17.35 -14.24
CA VAL C 91 -0.60 -17.58 -12.79
C VAL C 91 -2.09 -17.61 -12.46
N TRP C 92 -2.56 -18.74 -11.89
CA TRP C 92 -3.92 -18.90 -11.32
C TRP C 92 -3.90 -18.87 -9.78
N ALA C 93 -2.75 -18.98 -9.15
CA ALA C 93 -2.63 -18.71 -7.71
C ALA C 93 -1.17 -18.39 -7.40
N ILE C 94 -0.95 -17.59 -6.36
CA ILE C 94 0.40 -17.28 -5.86
C ILE C 94 0.36 -17.28 -4.33
N GLU C 95 1.40 -17.82 -3.72
CA GLU C 95 1.54 -17.90 -2.25
C GLU C 95 2.87 -17.23 -1.87
N LEU C 96 2.80 -16.22 -1.02
CA LEU C 96 3.98 -15.60 -0.40
C LEU C 96 4.55 -16.61 0.59
N ALA C 97 5.86 -16.89 0.49
CA ALA C 97 6.53 -18.05 1.15
C ALA C 97 7.87 -17.59 1.72
N PRO C 98 7.88 -16.67 2.72
CA PRO C 98 9.10 -16.28 3.39
C PRO C 98 9.78 -17.55 3.98
N HIS C 99 11.09 -17.66 3.81
CA HIS C 99 11.86 -18.87 4.20
C HIS C 99 12.04 -18.77 5.72
N HIS C 100 11.52 -19.74 6.45
CA HIS C 100 11.71 -19.77 7.93
C HIS C 100 12.66 -20.90 8.28
N HIS C 101 13.58 -20.62 9.21
CA HIS C 101 14.50 -21.61 9.84
C HIS C 101 13.68 -22.39 10.88
N HIS C 102 13.78 -23.72 10.89
CA HIS C 102 13.24 -24.58 11.97
C HIS C 102 14.41 -25.35 12.59
N HIS C 103 14.91 -24.90 13.74
CA HIS C 103 16.07 -25.52 14.45
C HIS C 103 15.54 -26.42 15.56
N HIS C 104 15.12 -27.65 15.18
CA HIS C 104 14.63 -28.73 16.09
C HIS C 104 14.76 -30.10 15.41
N GLY D 1 -0.03 -8.76 21.88
CA GLY D 1 -1.09 -9.36 22.78
C GLY D 1 -2.46 -9.21 22.17
N VAL D 2 -3.49 -9.59 22.91
CA VAL D 2 -4.90 -9.59 22.42
C VAL D 2 -5.62 -8.48 23.18
N SER D 3 -6.37 -7.64 22.47
CA SER D 3 -7.15 -6.55 23.10
C SER D 3 -8.37 -7.19 23.77
N LYS D 4 -8.83 -6.64 24.90
CA LYS D 4 -10.11 -7.02 25.55
C LYS D 4 -11.23 -6.88 24.53
N THR D 5 -11.25 -5.81 23.75
CA THR D 5 -12.36 -5.57 22.79
C THR D 5 -12.40 -6.70 21.77
N PHE D 6 -11.25 -7.19 21.30
CA PHE D 6 -11.22 -8.29 20.30
C PHE D 6 -11.79 -9.56 20.93
N LYS D 7 -11.42 -9.88 22.17
CA LYS D 7 -11.97 -11.06 22.89
C LYS D 7 -13.46 -10.88 23.12
N ASP D 8 -13.91 -9.69 23.49
CA ASP D 8 -15.35 -9.43 23.73
C ASP D 8 -16.13 -9.64 22.43
N LYS D 9 -15.60 -9.20 21.29
CA LYS D 9 -16.31 -9.34 19.98
C LYS D 9 -16.38 -10.83 19.58
N CYS D 10 -15.31 -11.59 19.78
CA CYS D 10 -15.29 -13.03 19.44
C CYS D 10 -16.25 -13.78 20.37
N ALA D 11 -16.36 -13.39 21.64
CA ALA D 11 -17.30 -13.97 22.62
C ALA D 11 -18.75 -13.72 22.21
N SER D 12 -19.04 -12.69 21.40
CA SER D 12 -20.40 -12.36 20.88
C SER D 12 -20.70 -13.13 19.61
N THR D 13 -19.87 -14.11 19.23
CA THR D 13 -20.06 -14.87 17.96
C THR D 13 -19.79 -16.36 18.18
N THR D 14 -20.26 -17.19 17.25
CA THR D 14 -20.00 -18.66 17.19
C THR D 14 -18.56 -18.92 16.78
N ALA D 15 -17.88 -17.95 16.17
CA ALA D 15 -16.44 -18.07 15.83
C ALA D 15 -15.61 -18.21 17.09
N LYS D 16 -14.47 -18.92 16.99
CA LYS D 16 -13.50 -19.27 18.07
C LYS D 16 -12.34 -18.29 17.98
N LEU D 17 -11.86 -17.80 19.11
CA LEU D 17 -10.66 -16.97 19.21
C LEU D 17 -9.41 -17.86 19.11
N VAL D 18 -8.47 -17.49 18.24
CA VAL D 18 -7.13 -18.10 18.17
C VAL D 18 -6.11 -16.99 18.42
N GLN D 19 -5.31 -17.17 19.47
CA GLN D 19 -4.36 -16.12 19.94
C GLN D 19 -2.96 -16.37 19.40
N SER D 20 -2.24 -15.31 19.15
CA SER D 20 -0.78 -15.38 18.96
C SER D 20 -0.45 -16.40 17.86
N VAL D 21 -1.05 -16.24 16.69
CA VAL D 21 -0.78 -17.10 15.50
C VAL D 21 0.35 -16.44 14.71
N GLN D 22 1.40 -17.17 14.37
CA GLN D 22 2.36 -16.70 13.34
C GLN D 22 1.94 -17.20 11.96
N LEU D 23 1.57 -16.29 11.08
CA LEU D 23 1.26 -16.64 9.69
C LEU D 23 2.57 -16.69 8.92
N VAL D 24 2.73 -17.72 8.08
CA VAL D 24 3.95 -17.93 7.25
C VAL D 24 3.60 -18.00 5.75
N ASN D 25 2.33 -18.13 5.40
CA ASN D 25 1.89 -18.10 3.98
C ASN D 25 0.61 -17.26 3.85
N ILE D 26 0.54 -16.45 2.80
CA ILE D 26 -0.71 -15.86 2.30
C ILE D 26 -0.76 -16.15 0.80
N SER D 27 -1.95 -16.49 0.32
CA SER D 27 -2.15 -16.82 -1.10
C SER D 27 -3.43 -16.17 -1.61
N SER D 28 -3.41 -15.81 -2.89
CA SER D 28 -4.57 -15.40 -3.68
C SER D 28 -4.73 -16.38 -4.84
N ASP D 29 -5.95 -16.86 -5.04
CA ASP D 29 -6.29 -17.99 -5.94
C ASP D 29 -7.46 -17.54 -6.82
N VAL D 30 -7.34 -17.63 -8.14
CA VAL D 30 -8.44 -17.29 -9.08
C VAL D 30 -8.83 -18.55 -9.88
N ASN D 31 -8.47 -19.75 -9.40
CA ASN D 31 -8.93 -21.02 -10.00
C ASN D 31 -10.41 -21.14 -9.82
N LYS D 32 -11.11 -21.65 -10.85
CA LYS D 32 -12.59 -21.71 -10.93
C LYS D 32 -13.21 -22.20 -9.61
N ASP D 33 -12.69 -23.28 -9.03
CA ASP D 33 -13.41 -23.92 -7.90
C ASP D 33 -12.74 -23.65 -6.55
N SER D 34 -11.65 -22.88 -6.48
CA SER D 34 -10.91 -22.66 -5.21
C SER D 34 -10.65 -21.18 -5.00
N LYS D 35 -11.43 -20.30 -5.60
CA LYS D 35 -11.19 -18.82 -5.58
C LYS D 35 -11.15 -18.32 -4.13
N GLY D 36 -10.17 -17.47 -3.78
CA GLY D 36 -10.17 -16.71 -2.53
C GLY D 36 -8.80 -16.51 -1.92
N ILE D 37 -8.78 -16.00 -0.69
CA ILE D 37 -7.54 -15.68 0.06
C ILE D 37 -7.39 -16.70 1.16
N TYR D 38 -6.23 -17.34 1.20
CA TYR D 38 -5.89 -18.39 2.18
C TYR D 38 -4.66 -17.90 2.95
N ILE D 39 -4.63 -18.21 4.24
CA ILE D 39 -3.49 -17.93 5.17
C ILE D 39 -3.19 -19.21 5.96
N SER D 40 -1.91 -19.46 6.21
CA SER D 40 -1.45 -20.66 6.94
C SER D 40 -0.47 -20.27 8.04
N SER D 41 -0.58 -20.94 9.19
CA SER D 41 0.26 -20.76 10.39
C SER D 41 1.52 -21.63 10.29
N SER D 42 2.51 -21.32 11.12
CA SER D 42 3.73 -22.13 11.38
C SER D 42 3.37 -23.56 11.83
N ALA D 43 2.21 -23.75 12.46
CA ALA D 43 1.71 -25.08 12.92
C ALA D 43 1.06 -25.88 11.78
N GLY D 44 0.79 -25.29 10.60
CA GLY D 44 0.22 -25.99 9.45
C GLY D 44 -1.31 -25.92 9.38
N LYS D 45 -1.94 -25.03 10.15
CA LYS D 45 -3.39 -24.70 10.05
C LYS D 45 -3.60 -23.65 8.94
N THR D 46 -4.68 -23.77 8.19
CA THR D 46 -5.07 -22.88 7.09
C THR D 46 -6.44 -22.27 7.42
N TRP D 47 -6.62 -20.99 7.10
CA TRP D 47 -7.94 -20.30 7.11
C TRP D 47 -8.22 -19.66 5.75
N PHE D 48 -9.47 -19.38 5.49
CA PHE D 48 -9.96 -18.61 4.34
C PHE D 48 -10.43 -17.25 4.85
N ILE D 49 -9.99 -16.20 4.18
CA ILE D 49 -10.47 -14.82 4.42
C ILE D 49 -11.54 -14.47 3.38
N PRO D 50 -12.80 -14.34 3.82
CA PRO D 50 -13.86 -13.98 2.89
C PRO D 50 -13.68 -12.57 2.31
N GLY D 51 -14.18 -12.40 1.08
CA GLY D 51 -14.25 -11.11 0.37
C GLY D 51 -15.53 -10.39 0.70
N GLY D 52 -15.69 -9.20 0.16
CA GLY D 52 -16.88 -8.35 0.34
C GLY D 52 -17.10 -7.54 -0.91
N GLN D 53 -18.30 -7.62 -1.49
CA GLN D 53 -18.64 -6.85 -2.70
C GLN D 53 -19.28 -5.52 -2.31
N TYR D 54 -19.95 -5.42 -1.16
CA TYR D 54 -20.78 -4.22 -0.84
C TYR D 54 -20.23 -3.53 0.40
N TYR D 55 -20.39 -2.21 0.50
CA TYR D 55 -20.07 -1.47 1.75
C TYR D 55 -20.91 -2.08 2.88
N PRO D 56 -20.39 -2.32 4.11
CA PRO D 56 -18.99 -2.06 4.47
C PRO D 56 -17.99 -3.22 4.32
N ASP D 57 -18.46 -4.41 3.99
CA ASP D 57 -17.62 -5.64 3.91
C ASP D 57 -16.49 -5.44 2.87
N ASN D 58 -16.70 -4.62 1.85
CA ASN D 58 -15.67 -4.40 0.81
C ASN D 58 -14.40 -3.83 1.46
N TYR D 59 -14.51 -2.74 2.26
CA TYR D 59 -13.29 -2.11 2.85
C TYR D 59 -12.83 -2.99 4.00
N LEU D 60 -13.75 -3.56 4.77
CA LEU D 60 -13.35 -4.35 5.96
C LEU D 60 -12.55 -5.60 5.50
N SER D 61 -12.99 -6.30 4.46
CA SER D 61 -12.28 -7.50 3.96
C SER D 61 -10.91 -7.06 3.43
N ASN D 62 -10.87 -5.92 2.75
CA ASN D 62 -9.60 -5.34 2.23
C ASN D 62 -8.63 -5.09 3.41
N GLU D 63 -9.11 -4.57 4.54
CA GLU D 63 -8.24 -4.35 5.72
C GLU D 63 -7.82 -5.69 6.34
N MET D 64 -8.70 -6.70 6.34
CA MET D 64 -8.30 -8.05 6.86
C MET D 64 -7.14 -8.57 6.02
N ARG D 65 -7.19 -8.40 4.69
CA ARG D 65 -6.11 -8.89 3.78
C ARG D 65 -4.80 -8.10 4.04
N LYS D 66 -4.88 -6.78 4.18
CA LYS D 66 -3.70 -5.92 4.51
C LYS D 66 -3.06 -6.40 5.82
N ILE D 67 -3.85 -6.68 6.83
CA ILE D 67 -3.31 -7.14 8.14
C ILE D 67 -2.61 -8.49 7.94
N ALA D 68 -3.26 -9.46 7.29
CA ALA D 68 -2.70 -10.82 7.11
C ALA D 68 -1.40 -10.74 6.32
N MET D 69 -1.36 -9.87 5.33
CA MET D 69 -0.21 -9.71 4.43
C MET D 69 1.00 -9.16 5.21
N ALA D 70 0.78 -8.10 5.98
CA ALA D 70 1.82 -7.49 6.81
C ALA D 70 2.34 -8.50 7.84
N ALA D 71 1.47 -9.30 8.41
CA ALA D 71 1.88 -10.33 9.38
C ALA D 71 2.85 -11.30 8.72
N VAL D 72 2.60 -11.74 7.50
CA VAL D 72 3.48 -12.74 6.81
C VAL D 72 4.79 -12.04 6.44
N LEU D 73 4.72 -10.87 5.85
CA LEU D 73 5.91 -10.15 5.33
C LEU D 73 6.81 -9.71 6.47
N SER D 74 6.25 -9.24 7.57
CA SER D 74 7.01 -8.69 8.72
C SER D 74 7.18 -9.75 9.82
N ASN D 75 6.66 -10.97 9.65
CA ASN D 75 6.76 -12.04 10.67
C ASN D 75 6.25 -11.51 12.00
N VAL D 76 5.01 -11.02 12.01
CA VAL D 76 4.35 -10.40 13.19
C VAL D 76 3.11 -11.23 13.49
N ARG D 77 2.79 -11.40 14.77
CA ARG D 77 1.65 -12.23 15.25
C ARG D 77 0.32 -11.52 14.95
N VAL D 78 -0.73 -12.34 14.81
CA VAL D 78 -2.15 -11.90 14.75
C VAL D 78 -2.98 -12.68 15.77
N ASN D 79 -4.16 -12.15 16.10
CA ASN D 79 -5.24 -12.91 16.76
C ASN D 79 -6.37 -13.06 15.75
N LEU D 80 -7.03 -14.21 15.72
CA LEU D 80 -8.13 -14.51 14.74
C LEU D 80 -9.43 -14.82 15.48
N CYS D 81 -10.52 -14.44 14.86
CA CYS D 81 -11.89 -14.91 15.17
C CYS D 81 -12.32 -15.74 13.96
N ALA D 82 -12.37 -17.06 14.09
CA ALA D 82 -12.57 -17.98 12.95
C ALA D 82 -13.75 -18.92 13.19
N SER D 83 -14.65 -19.04 12.22
CA SER D 83 -15.76 -20.00 12.21
C SER D 83 -15.22 -21.36 11.77
N GLU D 84 -15.46 -22.40 12.57
CA GLU D 84 -15.10 -23.80 12.23
C GLU D 84 -16.10 -24.44 11.26
N ALA D 85 -17.20 -23.76 10.92
CA ALA D 85 -18.32 -24.31 10.14
C ALA D 85 -17.96 -24.42 8.65
N TYR D 86 -16.71 -24.23 8.28
CA TYR D 86 -16.23 -24.15 6.87
C TYR D 86 -14.91 -24.89 6.78
N THR D 87 -14.56 -25.32 5.58
CA THR D 87 -13.28 -26.01 5.31
C THR D 87 -12.65 -25.38 4.07
N PRO D 88 -11.54 -24.62 4.23
CA PRO D 88 -10.97 -24.27 5.54
C PRO D 88 -11.84 -23.32 6.37
N ASN D 89 -11.53 -23.19 7.66
CA ASN D 89 -12.21 -22.27 8.60
C ASN D 89 -12.16 -20.82 8.08
N HIS D 90 -13.21 -20.06 8.28
CA HIS D 90 -13.40 -18.68 7.78
C HIS D 90 -13.00 -17.65 8.85
N VAL D 91 -12.10 -16.73 8.52
CA VAL D 91 -11.76 -15.58 9.36
C VAL D 91 -12.87 -14.53 9.27
N TRP D 92 -13.49 -14.21 10.41
CA TRP D 92 -14.50 -13.14 10.57
C TRP D 92 -13.91 -11.92 11.31
N ALA D 93 -12.75 -12.03 11.93
CA ALA D 93 -12.00 -10.84 12.38
C ALA D 93 -10.55 -11.20 12.50
N ILE D 94 -9.68 -10.22 12.36
CA ILE D 94 -8.22 -10.40 12.52
C ILE D 94 -7.66 -9.17 13.22
N GLU D 95 -6.73 -9.38 14.13
CA GLU D 95 -6.07 -8.29 14.87
C GLU D 95 -4.55 -8.44 14.70
N LEU D 96 -3.90 -7.42 14.18
CA LEU D 96 -2.44 -7.34 14.15
C LEU D 96 -1.94 -7.14 15.58
N ALA D 97 -0.99 -7.97 16.03
CA ALA D 97 -0.61 -8.13 17.46
C ALA D 97 0.91 -8.26 17.56
N PRO D 98 1.67 -7.19 17.21
CA PRO D 98 3.11 -7.16 17.42
C PRO D 98 3.40 -7.41 18.91
N HIS D 99 4.38 -8.26 19.20
CA HIS D 99 4.75 -8.60 20.60
C HIS D 99 5.55 -7.43 21.15
N HIS D 100 5.08 -6.83 22.22
CA HIS D 100 5.83 -5.71 22.88
C HIS D 100 6.39 -6.18 24.22
N HIS D 101 7.65 -5.80 24.51
CA HIS D 101 8.33 -6.04 25.80
C HIS D 101 7.79 -5.03 26.83
N HIS D 102 7.41 -5.50 28.02
CA HIS D 102 7.08 -4.63 29.18
C HIS D 102 8.01 -5.03 30.33
N HIS D 103 9.05 -4.23 30.60
CA HIS D 103 10.06 -4.52 31.65
C HIS D 103 9.73 -3.68 32.88
N HIS D 104 8.76 -4.16 33.70
CA HIS D 104 8.31 -3.55 34.98
C HIS D 104 7.62 -4.57 35.90
N GLY E 1 5.32 14.99 17.58
CA GLY E 1 4.43 15.77 18.52
C GLY E 1 3.11 16.10 17.87
N VAL E 2 2.40 17.10 18.35
CA VAL E 2 1.03 17.43 17.86
C VAL E 2 1.11 18.76 17.10
N SER E 3 0.46 18.86 15.94
CA SER E 3 0.45 20.09 15.13
C SER E 3 -0.57 21.05 15.77
N LYS E 4 -0.32 22.37 15.73
CA LYS E 4 -1.31 23.38 16.19
C LYS E 4 -2.60 23.21 15.40
N THR E 5 -2.51 22.93 14.11
CA THR E 5 -3.72 22.76 13.27
C THR E 5 -4.59 21.60 13.80
N PHE E 6 -3.96 20.50 14.21
CA PHE E 6 -4.69 19.32 14.73
C PHE E 6 -5.39 19.71 16.04
N LYS E 7 -4.70 20.41 16.94
CA LYS E 7 -5.30 20.89 18.22
C LYS E 7 -6.45 21.83 17.93
N ASP E 8 -6.26 22.76 17.00
CA ASP E 8 -7.31 23.78 16.67
C ASP E 8 -8.55 23.05 16.12
N LYS E 9 -8.39 22.03 15.28
CA LYS E 9 -9.56 21.30 14.68
C LYS E 9 -10.31 20.52 15.76
N CYS E 10 -9.58 19.86 16.66
CA CYS E 10 -10.21 19.11 17.79
C CYS E 10 -10.92 20.07 18.75
N ALA E 11 -10.37 21.26 18.99
CA ALA E 11 -11.01 22.30 19.84
C ALA E 11 -12.33 22.78 19.23
N SER E 12 -12.53 22.66 17.91
CA SER E 12 -13.76 23.08 17.20
C SER E 12 -14.80 21.92 17.20
N THR E 13 -14.58 20.87 17.98
CA THR E 13 -15.48 19.70 18.06
C THR E 13 -15.65 19.26 19.52
N THR E 14 -16.72 18.51 19.79
CA THR E 14 -17.03 17.89 21.08
C THR E 14 -16.07 16.74 21.34
N ALA E 15 -15.42 16.18 20.31
CA ALA E 15 -14.38 15.14 20.50
C ALA E 15 -13.19 15.70 21.30
N LYS E 16 -12.54 14.81 22.07
CA LYS E 16 -11.40 15.07 23.00
C LYS E 16 -10.10 14.72 22.28
N LEU E 17 -9.08 15.54 22.46
CA LEU E 17 -7.72 15.30 21.94
C LEU E 17 -7.00 14.30 22.84
N VAL E 18 -6.41 13.27 22.24
CA VAL E 18 -5.51 12.32 22.95
C VAL E 18 -4.16 12.35 22.25
N GLN E 19 -3.12 12.74 22.98
CA GLN E 19 -1.77 13.03 22.46
C GLN E 19 -0.85 11.84 22.67
N SER E 20 0.05 11.60 21.73
CA SER E 20 1.18 10.67 21.92
C SER E 20 0.64 9.32 22.38
N VAL E 21 -0.28 8.75 21.62
CA VAL E 21 -0.80 7.37 21.86
C VAL E 21 0.10 6.40 21.11
N GLN E 22 0.59 5.36 21.76
CA GLN E 22 1.17 4.20 21.03
C GLN E 22 0.08 3.14 20.78
N LEU E 23 -0.24 2.93 19.53
CA LEU E 23 -1.17 1.86 19.16
C LEU E 23 -0.37 0.56 19.08
N VAL E 24 -0.94 -0.53 19.61
CA VAL E 24 -0.32 -1.88 19.64
C VAL E 24 -1.22 -2.93 18.98
N ASN E 25 -2.48 -2.60 18.71
CA ASN E 25 -3.39 -3.51 17.95
C ASN E 25 -4.20 -2.69 16.95
N ILE E 26 -4.36 -3.23 15.73
CA ILE E 26 -5.41 -2.80 14.80
C ILE E 26 -6.15 -4.08 14.36
N SER E 27 -7.46 -4.00 14.27
CA SER E 27 -8.30 -5.15 13.89
C SER E 27 -9.36 -4.70 12.86
N SER E 28 -9.69 -5.61 11.95
CA SER E 28 -10.84 -5.52 11.05
C SER E 28 -11.78 -6.69 11.35
N ASP E 29 -13.06 -6.41 11.49
CA ASP E 29 -14.11 -7.34 11.96
C ASP E 29 -15.27 -7.31 10.95
N VAL E 30 -15.69 -8.44 10.39
CA VAL E 30 -16.89 -8.48 9.50
C VAL E 30 -18.01 -9.33 10.15
N ASN E 31 -17.96 -9.60 11.45
CA ASN E 31 -19.05 -10.27 12.21
C ASN E 31 -20.30 -9.40 12.20
N LYS E 32 -21.47 -10.04 12.06
CA LYS E 32 -22.78 -9.39 11.78
C LYS E 32 -22.97 -8.11 12.59
N ASP E 33 -22.83 -8.16 13.91
CA ASP E 33 -23.21 -6.96 14.70
C ASP E 33 -22.01 -6.28 15.35
N SER E 34 -20.78 -6.63 14.96
CA SER E 34 -19.55 -6.03 15.54
C SER E 34 -18.64 -5.48 14.43
N LYS E 35 -19.16 -5.28 13.23
CA LYS E 35 -18.40 -4.86 12.05
C LYS E 35 -17.61 -3.57 12.34
N GLY E 36 -16.36 -3.50 11.90
CA GLY E 36 -15.62 -2.23 11.78
C GLY E 36 -14.15 -2.33 12.07
N ILE E 37 -13.49 -1.19 12.19
CA ILE E 37 -12.03 -1.10 12.47
C ILE E 37 -11.86 -0.63 13.90
N TYR E 38 -11.10 -1.41 14.67
CA TYR E 38 -10.81 -1.13 16.10
C TYR E 38 -9.28 -0.96 16.22
N ILE E 39 -8.85 -0.03 17.08
CA ILE E 39 -7.43 0.18 17.46
C ILE E 39 -7.33 0.24 18.99
N SER E 40 -6.26 -0.30 19.53
CA SER E 40 -6.00 -0.33 20.99
C SER E 40 -4.60 0.22 21.30
N SER E 41 -4.49 1.01 22.37
CA SER E 41 -3.24 1.59 22.93
C SER E 41 -2.55 0.59 23.86
N SER E 42 -1.27 0.87 24.13
CA SER E 42 -0.43 0.19 25.14
C SER E 42 -1.09 0.23 26.53
N ALA E 43 -1.88 1.25 26.80
CA ALA E 43 -2.58 1.45 28.09
C ALA E 43 -3.87 0.62 28.17
N GLY E 44 -4.35 0.01 27.08
CA GLY E 44 -5.57 -0.83 27.10
C GLY E 44 -6.86 -0.07 26.77
N LYS E 45 -6.76 1.12 26.20
CA LYS E 45 -7.90 1.89 25.63
C LYS E 45 -8.14 1.43 24.19
N THR E 46 -9.41 1.35 23.79
CA THR E 46 -9.83 0.95 22.43
C THR E 46 -10.62 2.09 21.81
N TRP E 47 -10.43 2.32 20.51
CA TRP E 47 -11.28 3.22 19.70
C TRP E 47 -11.83 2.48 18.48
N PHE E 48 -12.92 2.97 17.93
CA PHE E 48 -13.50 2.55 16.63
C PHE E 48 -13.19 3.65 15.61
N ILE E 49 -12.71 3.26 14.46
CA ILE E 49 -12.55 4.16 13.29
C ILE E 49 -13.73 3.98 12.34
N PRO E 50 -14.60 4.99 12.23
CA PRO E 50 -15.72 4.91 11.30
C PRO E 50 -15.27 4.87 9.83
N GLY E 51 -16.09 4.21 9.02
CA GLY E 51 -15.92 4.07 7.57
C GLY E 51 -16.65 5.20 6.86
N GLY E 52 -16.56 5.23 5.55
CA GLY E 52 -17.18 6.27 4.71
C GLY E 52 -17.57 5.67 3.39
N GLN E 53 -18.84 5.83 3.03
CA GLN E 53 -19.38 5.27 1.78
C GLN E 53 -19.28 6.32 0.66
N TYR E 54 -19.32 7.62 0.98
CA TYR E 54 -19.48 8.68 -0.04
C TYR E 54 -18.27 9.61 0.02
N TYR E 55 -17.90 10.20 -1.11
CA TYR E 55 -16.87 11.27 -1.14
C TYR E 55 -17.33 12.40 -0.22
N PRO E 56 -16.49 13.01 0.64
CA PRO E 56 -15.06 12.67 0.77
C PRO E 56 -14.69 11.66 1.87
N ASP E 57 -15.65 11.25 2.69
CA ASP E 57 -15.39 10.37 3.86
C ASP E 57 -14.80 9.03 3.39
N ASN E 58 -15.09 8.59 2.18
CA ASN E 58 -14.56 7.31 1.67
C ASN E 58 -13.02 7.35 1.67
N TYR E 59 -12.41 8.38 1.05
CA TYR E 59 -10.93 8.46 0.94
C TYR E 59 -10.39 8.85 2.31
N LEU E 60 -11.09 9.73 3.03
CA LEU E 60 -10.56 10.22 4.33
C LEU E 60 -10.50 9.08 5.33
N SER E 61 -11.51 8.24 5.41
CA SER E 61 -11.52 7.11 6.36
C SER E 61 -10.43 6.12 5.94
N ASN E 62 -10.25 5.93 4.65
CA ASN E 62 -9.16 5.06 4.13
C ASN E 62 -7.80 5.60 4.57
N GLU E 63 -7.59 6.93 4.56
CA GLU E 63 -6.31 7.51 5.07
C GLU E 63 -6.19 7.34 6.58
N MET E 64 -7.29 7.48 7.33
CA MET E 64 -7.26 7.26 8.79
C MET E 64 -6.77 5.82 9.06
N ARG E 65 -7.26 4.85 8.29
CA ARG E 65 -6.91 3.40 8.48
C ARG E 65 -5.43 3.18 8.16
N LYS E 66 -4.94 3.77 7.06
CA LYS E 66 -3.51 3.69 6.63
C LYS E 66 -2.64 4.23 7.76
N ILE E 67 -3.01 5.36 8.35
CA ILE E 67 -2.20 5.97 9.42
C ILE E 67 -2.18 5.02 10.62
N ALA E 68 -3.34 4.56 11.10
CA ALA E 68 -3.45 3.65 12.26
C ALA E 68 -2.63 2.39 12.02
N MET E 69 -2.68 1.86 10.81
CA MET E 69 -1.99 0.60 10.46
C MET E 69 -0.47 0.78 10.53
N ALA E 70 0.04 1.82 9.91
CA ALA E 70 1.48 2.17 9.91
C ALA E 70 1.95 2.43 11.34
N ALA E 71 1.14 3.08 12.16
CA ALA E 71 1.50 3.33 13.57
C ALA E 71 1.71 2.01 14.28
N VAL E 72 0.83 1.01 14.09
CA VAL E 72 0.95 -0.28 14.81
C VAL E 72 2.16 -1.04 14.25
N LEU E 73 2.28 -1.10 12.94
CA LEU E 73 3.34 -1.89 12.27
C LEU E 73 4.72 -1.31 12.55
N SER E 74 4.85 0.02 12.55
CA SER E 74 6.15 0.71 12.69
C SER E 74 6.35 1.18 14.14
N ASN E 75 5.41 0.92 15.05
CA ASN E 75 5.51 1.36 16.47
C ASN E 75 5.77 2.87 16.50
N VAL E 76 4.90 3.65 15.86
CA VAL E 76 5.00 5.13 15.74
C VAL E 76 3.77 5.72 16.45
N ARG E 77 3.95 6.85 17.12
CA ARG E 77 2.87 7.52 17.88
C ARG E 77 1.86 8.18 16.92
N VAL E 78 0.62 8.30 17.40
CA VAL E 78 -0.44 9.12 16.76
C VAL E 78 -1.03 10.11 17.78
N ASN E 79 -1.74 11.13 17.29
CA ASN E 79 -2.65 11.96 18.09
C ASN E 79 -4.05 11.66 17.56
N LEU E 80 -5.05 11.61 18.44
CA LEU E 80 -6.45 11.29 18.09
C LEU E 80 -7.37 12.45 18.50
N CYS E 81 -8.43 12.61 17.74
CA CYS E 81 -9.62 13.39 18.08
C CYS E 81 -10.76 12.36 18.20
N ALA E 82 -11.21 12.05 19.41
CA ALA E 82 -12.14 10.94 19.68
C ALA E 82 -13.39 11.41 20.44
N SER E 83 -14.57 11.03 19.97
CA SER E 83 -15.86 11.27 20.62
C SER E 83 -16.05 10.21 21.71
N GLU E 84 -16.31 10.65 22.94
CA GLU E 84 -16.57 9.75 24.11
C GLU E 84 -18.02 9.23 24.10
N ALA E 85 -18.87 9.75 23.22
CA ALA E 85 -20.30 9.47 23.15
C ALA E 85 -20.58 8.05 22.63
N TYR E 86 -19.56 7.23 22.39
CA TYR E 86 -19.73 5.87 21.81
C TYR E 86 -18.91 4.88 22.62
N THR E 87 -19.24 3.60 22.51
CA THR E 87 -18.47 2.52 23.15
C THR E 87 -18.22 1.43 22.12
N PRO E 88 -16.97 1.25 21.67
CA PRO E 88 -15.84 2.13 22.01
C PRO E 88 -15.94 3.57 21.45
N ASN E 89 -15.13 4.48 21.99
CA ASN E 89 -15.01 5.89 21.50
C ASN E 89 -14.67 5.92 20.00
N HIS E 90 -15.22 6.86 19.27
CA HIS E 90 -15.11 7.00 17.81
C HIS E 90 -14.00 8.00 17.42
N VAL E 91 -13.07 7.57 16.58
CA VAL E 91 -12.04 8.48 16.01
C VAL E 91 -12.64 9.33 14.89
N TRP E 92 -12.61 10.65 15.04
CA TRP E 92 -13.01 11.64 14.02
C TRP E 92 -11.78 12.33 13.38
N ALA E 93 -10.59 12.16 13.95
CA ALA E 93 -9.35 12.55 13.25
C ALA E 93 -8.20 11.79 13.82
N ILE E 94 -7.16 11.57 13.01
CA ILE E 94 -5.93 10.91 13.45
C ILE E 94 -4.75 11.60 12.79
N GLU E 95 -3.67 11.78 13.55
CA GLU E 95 -2.43 12.42 13.05
C GLU E 95 -1.27 11.46 13.33
N LEU E 96 -0.54 11.07 12.30
CA LEU E 96 0.71 10.34 12.44
C LEU E 96 1.75 11.31 13.05
N ALA E 97 2.43 10.89 14.11
CA ALA E 97 3.24 11.78 15.00
C ALA E 97 4.56 11.08 15.36
N PRO E 98 5.43 10.81 14.36
CA PRO E 98 6.76 10.27 14.64
C PRO E 98 7.51 11.21 15.61
N HIS E 99 8.13 10.67 16.66
CA HIS E 99 8.85 11.48 17.66
C HIS E 99 10.20 11.85 17.04
N HIS E 100 10.48 13.12 16.90
CA HIS E 100 11.82 13.58 16.41
C HIS E 100 12.55 14.28 17.58
N HIS E 101 13.85 13.99 17.73
CA HIS E 101 14.76 14.64 18.73
C HIS E 101 15.15 16.01 18.15
N HIS E 102 15.09 17.07 18.97
CA HIS E 102 15.69 18.39 18.66
C HIS E 102 16.78 18.71 19.69
N HIS E 103 18.04 18.62 19.29
CA HIS E 103 19.21 18.83 20.19
C HIS E 103 19.75 20.25 20.01
N HIS E 104 19.10 21.23 20.67
CA HIS E 104 19.49 22.68 20.70
C HIS E 104 18.90 23.37 21.93
NA NA F . 4.79 29.19 -9.70
C FMT G . 22.75 -9.33 -3.25
O1 FMT G . 22.74 -8.71 -4.30
O2 FMT G . 22.52 -8.77 -2.09
C FMT H . 21.24 -7.96 -12.10
O1 FMT H . 21.84 -7.23 -12.87
O2 FMT H . 20.74 -7.60 -10.95
NA NA I . 11.25 -0.52 -29.82
NA NA J . -2.32 -29.61 -11.21
NA NA K . -16.83 -17.13 19.97
NA NA L . -13.66 -26.23 9.70
NA NA M . -17.37 5.99 25.44
NA NA N . -12.42 19.21 21.54
#